data_9LUO
#
_entry.id   9LUO
#
_cell.length_a   1.00
_cell.length_b   1.00
_cell.length_c   1.00
_cell.angle_alpha   90.00
_cell.angle_beta   90.00
_cell.angle_gamma   90.00
#
_symmetry.space_group_name_H-M   'P 1'
#
loop_
_entity.id
_entity.type
_entity.pdbx_description
1 polymer 'DELLA protein RGA'
2 polymer 'F-box protein GID2'
3 polymer 'SKP1-like protein 1B'
#
loop_
_entity_poly.entity_id
_entity_poly.type
_entity_poly.pdbx_seq_one_letter_code
_entity_poly.pdbx_strand_id
1 'polypeptide(L)'
;MKRDHHQFQGRLSNHGTSSSSSSISKDKMMMVKKEEDGGGNMDDELLAVLGYKVRSSEMAEVALKLEQLETMMSNVQEDG
LSHLATDTVHYNPSELYSWLDNMLSELNPPPLPASSNGLDPVLPSPEICGFPASDYDLKVIPGNAIYQFPAIDSSSSSNN
QNKRLKSCSSPDSMVTSTSTGTQIGGVIGTTVTTTTTTTTAAGESTRSVILVDSQENGVRLVHALMACAEAIQQNNLTLA
EALVKQIGCLAVSQAGAMRKVATYFAEALARRIYRLSPPQNQIDHCLSDTLQMHFYETCPYLKFAHFTANQAILEAFEGK
KRVHVIDFSMNQGLQWPALMQALALREGGPPTFRLTGIGPPAPDNSDHLHEVGCKLAQLAEAIHVEFEYRGFVANSLADL
DASMLELRPSDTEAVAVNSVFELHKLLGRPGGIEKVLGVVKQIKPVIFTVVEQESNHNGPVFLDRFTESLHYYSTLFDSL
EGVPNSQDKVMSEVYLGKQICNLVACEGPDRVERHETLSQWGNRFGSSGLAPAHLGSNAFKQASMLLSVFNSGQGYRVEE
SNGCLMLGWHTRPLITTSAWKLSTAAY
;
A
2 'polypeptide(L)'
;GSMKRSTTDSDLAGDAHNETNKKMKSTEEEEIGFSNLDENLVYEVLKHVDAKTLAMSSCVSKIWHKTAQDERLWELICTR
HWTNIGCGQNQLRSVVLALGGFRRLHSLYLWPLSKPNPRARFGKDELKLTLSLLSIRYYEKMSFTKRPLPESK
;
C
3 'polypeptide(L)'
;GSMSTVRKITLKSSDGENFEIDEAVALESQTIKHMIEDDCTDNGIPLPNVTSKILSKVIEYCKRHVEAAEKSETTADAAA
ATTTTTVASGSSDEDLKTWDSEFIKVDQGTLFDLILAANYLNIKGLLDLTCQTVADMIKGKTPEEIRKTFNIKNDFTPEE
EEEVRRENQWAFE
;
D
#
# COMPACT_ATOMS: atom_id res chain seq x y z
N PRO A 300 5.65 -31.66 -12.11
CA PRO A 300 6.64 -30.58 -12.19
C PRO A 300 7.13 -30.33 -13.62
N TYR A 301 6.93 -31.33 -14.49
CA TYR A 301 7.32 -31.19 -15.89
C TYR A 301 6.32 -30.38 -16.71
N LEU A 302 5.04 -30.44 -16.35
CA LEU A 302 4.03 -29.71 -17.10
C LEU A 302 4.26 -28.20 -17.01
N LYS A 303 4.43 -27.69 -15.77
CA LYS A 303 4.67 -26.26 -15.60
C LYS A 303 6.01 -25.85 -16.22
N PHE A 304 7.03 -26.70 -16.10
CA PHE A 304 8.32 -26.43 -16.71
C PHE A 304 8.18 -26.24 -18.22
N ALA A 305 7.52 -27.18 -18.88
CA ALA A 305 7.34 -27.08 -20.32
C ALA A 305 6.48 -25.87 -20.68
N HIS A 306 5.40 -25.63 -19.94
CA HIS A 306 4.54 -24.48 -20.19
C HIS A 306 5.34 -23.19 -20.17
N PHE A 307 6.11 -22.98 -19.10
CA PHE A 307 6.79 -21.70 -18.92
C PHE A 307 7.94 -21.55 -19.90
N THR A 308 8.69 -22.63 -20.16
CA THR A 308 9.79 -22.54 -21.12
C THR A 308 9.26 -22.23 -22.52
N ALA A 309 8.21 -22.93 -22.95
CA ALA A 309 7.64 -22.65 -24.26
C ALA A 309 7.04 -21.25 -24.32
N ASN A 310 6.41 -20.80 -23.23
CA ASN A 310 5.83 -19.46 -23.20
C ASN A 310 6.92 -18.40 -23.35
N GLN A 311 8.03 -18.55 -22.64
CA GLN A 311 9.13 -17.61 -22.79
C GLN A 311 9.73 -17.65 -24.19
N ALA A 312 9.86 -18.85 -24.75
CA ALA A 312 10.41 -18.97 -26.11
C ALA A 312 9.51 -18.26 -27.11
N ILE A 313 8.20 -18.42 -26.99
CA ILE A 313 7.26 -17.76 -27.90
C ILE A 313 7.29 -16.25 -27.69
N LEU A 314 7.28 -15.82 -26.43
CA LEU A 314 7.19 -14.39 -26.12
C LEU A 314 8.43 -13.65 -26.59
N GLU A 315 9.61 -14.24 -26.42
CA GLU A 315 10.84 -13.59 -26.89
C GLU A 315 10.84 -13.39 -28.40
N ALA A 316 10.07 -14.19 -29.12
CA ALA A 316 9.98 -14.06 -30.57
C ALA A 316 8.93 -13.01 -30.95
N SER A 329 -1.28 -28.91 -29.92
CA SER A 329 -1.94 -29.45 -28.73
C SER A 329 -2.87 -28.41 -28.10
N MET A 330 -3.95 -28.90 -27.48
CA MET A 330 -4.89 -28.02 -26.81
C MET A 330 -5.39 -28.66 -25.51
N ASN A 331 -4.68 -29.66 -24.97
CA ASN A 331 -5.12 -30.40 -23.80
C ASN A 331 -5.31 -29.48 -22.60
N GLN A 332 -6.58 -29.29 -22.20
CA GLN A 332 -6.97 -28.53 -21.01
C GLN A 332 -6.68 -27.04 -21.14
N GLY A 333 -5.99 -26.63 -22.21
CA GLY A 333 -5.71 -25.24 -22.46
C GLY A 333 -5.08 -24.50 -21.29
N LEU A 334 -4.09 -25.11 -20.65
CA LEU A 334 -3.52 -24.58 -19.41
C LEU A 334 -2.27 -23.75 -19.63
N GLN A 335 -1.52 -23.99 -20.71
CA GLN A 335 -0.30 -23.24 -20.95
C GLN A 335 -0.58 -21.83 -21.44
N TRP A 336 -1.66 -21.65 -22.19
CA TRP A 336 -1.95 -20.43 -22.93
C TRP A 336 -2.41 -19.24 -22.08
N PRO A 337 -3.17 -19.44 -21.00
CA PRO A 337 -3.51 -18.29 -20.14
C PRO A 337 -2.31 -17.53 -19.61
N ALA A 338 -1.19 -18.21 -19.35
CA ALA A 338 -0.02 -17.54 -18.79
C ALA A 338 0.58 -16.54 -19.78
N LEU A 339 0.49 -16.82 -21.07
CA LEU A 339 1.04 -15.93 -22.08
C LEU A 339 0.23 -14.65 -22.25
N MET A 340 -1.03 -14.66 -21.79
CA MET A 340 -1.90 -13.51 -22.02
C MET A 340 -1.37 -12.25 -21.35
N GLN A 341 -0.88 -12.37 -20.11
CA GLN A 341 -0.24 -11.22 -19.47
C GLN A 341 1.03 -10.83 -20.20
N ALA A 342 1.74 -11.80 -20.77
CA ALA A 342 2.95 -11.49 -21.52
C ALA A 342 2.65 -10.60 -22.71
N LEU A 343 1.58 -10.91 -23.46
CA LEU A 343 1.23 -10.00 -24.56
C LEU A 343 0.55 -8.74 -24.06
N ALA A 344 -0.10 -8.78 -22.89
CA ALA A 344 -0.85 -7.63 -22.42
C ALA A 344 0.07 -6.54 -21.91
N LEU A 345 0.94 -6.86 -20.95
CA LEU A 345 1.84 -5.88 -20.35
C LEU A 345 3.13 -5.78 -21.16
N ARG A 346 2.96 -5.46 -22.44
CA ARG A 346 4.04 -5.40 -23.39
C ARG A 346 4.23 -3.97 -23.86
N GLU A 347 5.48 -3.60 -24.14
CA GLU A 347 5.77 -2.27 -24.63
C GLU A 347 5.15 -2.08 -26.01
N GLY A 348 4.37 -1.01 -26.16
CA GLY A 348 3.64 -0.75 -27.37
C GLY A 348 2.24 -1.34 -27.42
N GLY A 349 1.87 -2.14 -26.42
CA GLY A 349 0.55 -2.72 -26.38
C GLY A 349 0.48 -4.07 -27.08
N PRO A 350 -0.52 -4.89 -26.71
CA PRO A 350 -0.76 -6.21 -27.30
C PRO A 350 -0.91 -6.19 -28.82
N HIS A 368 -15.07 -30.64 -25.94
CA HIS A 368 -14.13 -30.22 -24.90
C HIS A 368 -13.34 -29.00 -25.33
N LEU A 369 -12.98 -28.95 -26.62
CA LEU A 369 -12.21 -27.83 -27.14
C LEU A 369 -13.05 -26.55 -27.15
N HIS A 370 -14.34 -26.66 -27.44
CA HIS A 370 -15.20 -25.48 -27.52
C HIS A 370 -15.30 -24.76 -26.18
N GLU A 371 -15.45 -25.51 -25.09
CA GLU A 371 -15.55 -24.90 -23.77
C GLU A 371 -14.23 -24.23 -23.38
N VAL A 372 -13.10 -24.86 -23.70
CA VAL A 372 -11.80 -24.25 -23.43
C VAL A 372 -11.65 -22.97 -24.23
N GLY A 373 -12.06 -22.98 -25.49
CA GLY A 373 -12.01 -21.77 -26.29
C GLY A 373 -12.89 -20.66 -25.74
N CYS A 374 -14.07 -21.03 -25.22
CA CYS A 374 -14.96 -20.04 -24.62
C CYS A 374 -14.32 -19.42 -23.38
N LYS A 375 -13.70 -20.25 -22.53
CA LYS A 375 -13.03 -19.71 -21.36
C LYS A 375 -11.86 -18.82 -21.74
N LEU A 376 -11.11 -19.21 -22.78
CA LEU A 376 -10.00 -18.38 -23.25
C LEU A 376 -10.50 -17.04 -23.78
N ALA A 377 -11.63 -17.05 -24.51
CA ALA A 377 -12.20 -15.81 -25.01
C ALA A 377 -12.65 -14.92 -23.85
N GLN A 378 -13.27 -15.51 -22.82
CA GLN A 378 -13.66 -14.72 -21.65
C GLN A 378 -12.44 -14.11 -20.98
N LEU A 379 -11.37 -14.88 -20.82
CA LEU A 379 -10.15 -14.34 -20.23
C LEU A 379 -9.57 -13.21 -21.07
N ALA A 380 -9.57 -13.38 -22.39
CA ALA A 380 -9.04 -12.34 -23.27
C ALA A 380 -9.84 -11.07 -23.17
N GLU A 381 -11.17 -11.18 -23.10
CA GLU A 381 -12.01 -9.99 -22.94
C GLU A 381 -11.84 -9.38 -21.56
N ALA A 382 -11.48 -10.19 -20.55
CA ALA A 382 -11.32 -9.66 -19.20
C ALA A 382 -10.18 -8.66 -19.11
N ILE A 383 -9.06 -8.94 -19.75
CA ILE A 383 -7.87 -8.10 -19.65
C ILE A 383 -7.63 -7.31 -20.94
N HIS A 384 -8.69 -7.06 -21.71
CA HIS A 384 -8.65 -6.14 -22.85
C HIS A 384 -7.66 -6.60 -23.92
N VAL A 385 -7.80 -7.86 -24.34
CA VAL A 385 -7.03 -8.42 -25.44
C VAL A 385 -8.00 -8.98 -26.47
N GLU A 386 -7.76 -8.67 -27.74
CA GLU A 386 -8.60 -9.18 -28.82
C GLU A 386 -8.38 -10.67 -29.03
N GLY A 536 17.73 -19.41 -22.81
CA GLY A 536 18.27 -18.13 -22.39
C GLY A 536 18.43 -18.01 -20.89
N SER A 537 19.14 -16.97 -20.45
CA SER A 537 19.34 -16.76 -19.02
C SER A 537 18.02 -16.49 -18.31
N ASN A 538 17.14 -15.71 -18.94
CA ASN A 538 15.82 -15.45 -18.36
C ASN A 538 14.99 -16.73 -18.29
N ALA A 539 14.98 -17.50 -19.37
CA ALA A 539 14.28 -18.78 -19.36
C ALA A 539 14.89 -19.73 -18.34
N PHE A 540 16.22 -19.70 -18.22
CA PHE A 540 16.89 -20.48 -17.18
C PHE A 540 16.48 -20.00 -15.80
N LYS A 541 16.37 -18.68 -15.61
CA LYS A 541 16.05 -18.14 -14.29
C LYS A 541 14.65 -18.51 -13.86
N GLN A 542 13.65 -18.25 -14.72
CA GLN A 542 12.25 -18.51 -14.34
C GLN A 542 12.03 -19.98 -14.04
N ALA A 543 12.67 -20.86 -14.81
CA ALA A 543 12.64 -22.29 -14.47
C ALA A 543 13.26 -22.54 -13.11
N SER A 544 14.39 -21.88 -12.83
CA SER A 544 15.08 -22.09 -11.56
C SER A 544 14.21 -21.67 -10.38
N MET A 545 13.53 -20.53 -10.49
CA MET A 545 12.60 -20.12 -9.43
C MET A 545 11.37 -21.02 -9.39
N LEU A 546 11.04 -21.67 -10.50
CA LEU A 546 9.90 -22.58 -10.51
C LEU A 546 10.14 -23.78 -9.61
N LEU A 547 11.29 -24.44 -9.74
CA LEU A 547 11.66 -25.52 -8.84
C LEU A 547 12.41 -24.97 -7.63
N GLY B 33 -8.01 9.08 20.54
CA GLY B 33 -9.16 8.58 19.83
C GLY B 33 -8.81 7.64 18.70
N PHE B 34 -7.73 6.88 18.87
CA PHE B 34 -7.30 5.93 17.86
C PHE B 34 -8.23 4.74 17.75
N SER B 35 -9.04 4.45 18.78
CA SER B 35 -9.93 3.31 18.75
C SER B 35 -11.12 3.53 17.82
N ASN B 36 -11.42 4.77 17.47
CA ASN B 36 -12.57 5.10 16.61
C ASN B 36 -12.12 5.92 15.41
N LEU B 37 -10.98 5.57 14.84
CA LEU B 37 -10.50 6.25 13.65
C LEU B 37 -11.39 5.94 12.45
N ASP B 38 -11.54 6.93 11.57
CA ASP B 38 -12.27 6.73 10.33
C ASP B 38 -11.37 6.05 9.29
N GLU B 39 -11.94 5.79 8.12
CA GLU B 39 -11.20 5.06 7.08
C GLU B 39 -10.02 5.88 6.56
N ASN B 40 -10.20 7.20 6.42
CA ASN B 40 -9.15 8.03 5.83
C ASN B 40 -7.92 8.08 6.73
N LEU B 41 -8.10 8.27 8.03
CA LEU B 41 -6.96 8.32 8.94
C LEU B 41 -6.25 6.97 9.03
N VAL B 42 -7.02 5.88 9.04
CA VAL B 42 -6.41 4.55 9.06
C VAL B 42 -5.59 4.32 7.79
N TYR B 43 -6.13 4.73 6.64
CA TYR B 43 -5.38 4.59 5.39
C TYR B 43 -4.11 5.43 5.41
N GLU B 44 -4.20 6.66 5.91
CA GLU B 44 -3.02 7.53 5.99
C GLU B 44 -1.96 6.93 6.90
N VAL B 45 -2.37 6.34 8.02
CA VAL B 45 -1.41 5.70 8.92
C VAL B 45 -0.78 4.48 8.24
N LEU B 46 -1.60 3.66 7.57
CA LEU B 46 -1.12 2.43 6.95
C LEU B 46 -0.34 2.67 5.68
N LYS B 47 -0.31 3.89 5.15
CA LYS B 47 0.53 4.17 4.00
C LYS B 47 2.02 4.01 4.28
N HIS B 48 2.43 3.93 5.54
CA HIS B 48 3.85 3.88 5.87
C HIS B 48 4.22 2.60 6.60
N VAL B 49 3.75 1.45 6.11
CA VAL B 49 4.11 0.15 6.67
C VAL B 49 4.56 -0.76 5.53
N ASP B 50 5.03 -1.94 5.90
CA ASP B 50 5.46 -2.95 4.93
C ASP B 50 4.45 -4.10 4.88
N ALA B 51 4.80 -5.13 4.10
CA ALA B 51 3.87 -6.23 3.86
C ALA B 51 3.51 -6.94 5.16
N LYS B 52 4.51 -7.24 5.99
CA LYS B 52 4.22 -7.92 7.25
C LYS B 52 3.31 -7.08 8.13
N THR B 53 3.60 -5.78 8.26
CA THR B 53 2.79 -4.93 9.14
C THR B 53 1.38 -4.76 8.59
N LEU B 54 1.24 -4.62 7.27
CA LEU B 54 -0.10 -4.46 6.69
C LEU B 54 -0.93 -5.73 6.87
N ALA B 55 -0.39 -6.88 6.48
CA ALA B 55 -1.13 -8.13 6.62
C ALA B 55 -1.36 -8.46 8.09
N MET B 56 -0.51 -7.94 8.98
CA MET B 56 -0.70 -8.10 10.40
C MET B 56 -1.86 -7.25 10.90
N SER B 57 -1.90 -5.97 10.51
CA SER B 57 -2.94 -5.07 10.97
C SER B 57 -4.29 -5.41 10.36
N SER B 58 -4.29 -6.14 9.24
CA SER B 58 -5.53 -6.59 8.64
C SER B 58 -6.35 -7.48 9.58
N CYS B 59 -5.77 -7.94 10.69
CA CYS B 59 -6.48 -8.78 11.64
C CYS B 59 -6.82 -8.05 12.94
N VAL B 60 -6.61 -6.72 12.98
CA VAL B 60 -6.87 -5.98 14.21
C VAL B 60 -8.37 -5.88 14.48
N SER B 61 -9.14 -5.49 13.46
CA SER B 61 -10.58 -5.31 13.61
C SER B 61 -11.20 -5.27 12.22
N LYS B 62 -12.52 -5.02 12.17
CA LYS B 62 -13.24 -5.05 10.90
C LYS B 62 -12.96 -3.82 10.04
N ILE B 63 -12.96 -2.63 10.64
CA ILE B 63 -12.66 -1.43 9.88
C ILE B 63 -11.22 -1.43 9.43
N TRP B 64 -10.30 -1.85 10.31
CA TRP B 64 -8.90 -1.99 9.92
C TRP B 64 -8.75 -3.01 8.80
N HIS B 65 -9.50 -4.11 8.86
CA HIS B 65 -9.47 -5.10 7.80
C HIS B 65 -9.91 -4.49 6.47
N LYS B 66 -11.05 -3.78 6.49
CA LYS B 66 -11.57 -3.19 5.26
C LYS B 66 -10.60 -2.19 4.67
N THR B 67 -9.97 -1.37 5.52
CA THR B 67 -8.97 -0.43 5.03
C THR B 67 -7.72 -1.15 4.53
N ALA B 68 -7.40 -2.30 5.11
CA ALA B 68 -6.21 -3.03 4.69
C ALA B 68 -6.41 -3.73 3.35
N GLN B 69 -7.65 -4.09 3.02
CA GLN B 69 -7.90 -4.67 1.70
C GLN B 69 -7.81 -3.64 0.57
N ASP B 70 -7.43 -2.40 0.85
CA ASP B 70 -7.34 -1.40 -0.20
C ASP B 70 -6.30 -1.79 -1.23
N GLU B 71 -6.62 -1.54 -2.51
CA GLU B 71 -5.74 -1.93 -3.60
C GLU B 71 -4.49 -1.05 -3.67
N ARG B 72 -4.61 0.23 -3.31
CA ARG B 72 -3.48 1.14 -3.44
C ARG B 72 -2.33 0.75 -2.52
N LEU B 73 -2.65 0.37 -1.28
CA LEU B 73 -1.61 -0.02 -0.33
C LEU B 73 -0.83 -1.23 -0.83
N TRP B 74 -1.55 -2.24 -1.34
CA TRP B 74 -0.87 -3.44 -1.81
C TRP B 74 -0.13 -3.19 -3.12
N GLU B 75 -0.64 -2.30 -3.97
CA GLU B 75 0.13 -1.90 -5.15
C GLU B 75 1.45 -1.25 -4.74
N LEU B 76 1.40 -0.35 -3.77
CA LEU B 76 2.62 0.29 -3.28
C LEU B 76 3.58 -0.75 -2.71
N ILE B 77 3.06 -1.68 -1.93
CA ILE B 77 3.92 -2.70 -1.31
C ILE B 77 4.57 -3.57 -2.39
N CYS B 78 3.80 -3.98 -3.40
CA CYS B 78 4.35 -4.84 -4.45
C CYS B 78 5.37 -4.10 -5.30
N THR B 79 5.13 -2.81 -5.57
CA THR B 79 6.05 -2.05 -6.41
C THR B 79 7.22 -1.47 -5.63
N ARG B 80 7.20 -1.57 -4.30
CA ARG B 80 8.28 -1.02 -3.50
C ARG B 80 9.61 -1.70 -3.79
N HIS B 81 9.60 -3.04 -3.87
CA HIS B 81 10.83 -3.80 -4.04
C HIS B 81 11.07 -4.24 -5.47
N TRP B 82 10.38 -3.62 -6.43
CA TRP B 82 10.60 -3.93 -7.84
C TRP B 82 11.63 -2.98 -8.46
N THR B 83 11.31 -1.69 -8.49
CA THR B 83 12.23 -0.58 -8.79
C THR B 83 12.84 -0.64 -10.19
N ASN B 84 12.49 -1.62 -11.02
CA ASN B 84 13.05 -1.74 -12.35
C ASN B 84 12.01 -2.00 -13.43
N ILE B 85 10.79 -2.38 -13.07
CA ILE B 85 9.75 -2.63 -14.05
C ILE B 85 9.34 -1.33 -14.72
N GLY B 86 8.99 -1.42 -16.00
CA GLY B 86 8.26 -0.33 -16.62
C GLY B 86 7.38 -0.76 -17.78
N CYS B 87 6.07 -0.53 -17.64
CA CYS B 87 5.16 -0.62 -18.79
C CYS B 87 4.06 0.42 -18.71
N GLY B 88 4.07 1.31 -17.72
CA GLY B 88 2.94 2.17 -17.45
C GLY B 88 2.14 1.65 -16.28
N GLN B 89 1.98 2.46 -15.24
CA GLN B 89 1.31 1.99 -14.03
C GLN B 89 -0.17 1.73 -14.26
N ASN B 90 -0.79 2.46 -15.19
CA ASN B 90 -2.21 2.27 -15.45
C ASN B 90 -2.50 0.87 -15.98
N GLN B 91 -1.74 0.42 -16.97
CA GLN B 91 -1.96 -0.90 -17.55
C GLN B 91 -1.73 -2.00 -16.51
N LEU B 92 -0.64 -1.88 -15.75
CA LEU B 92 -0.34 -2.88 -14.73
C LEU B 92 -1.44 -2.95 -13.70
N ARG B 93 -1.87 -1.79 -13.18
CA ARG B 93 -2.90 -1.78 -12.16
C ARG B 93 -4.21 -2.36 -12.69
N SER B 94 -4.59 -1.99 -13.92
CA SER B 94 -5.83 -2.50 -14.50
C SER B 94 -5.79 -4.01 -14.65
N VAL B 95 -4.70 -4.53 -15.23
CA VAL B 95 -4.62 -5.97 -15.48
C VAL B 95 -4.59 -6.74 -14.17
N VAL B 96 -3.78 -6.29 -13.21
CA VAL B 96 -3.66 -7.02 -11.95
C VAL B 96 -4.97 -6.98 -11.19
N LEU B 97 -5.68 -5.85 -11.21
CA LEU B 97 -6.97 -5.79 -10.54
C LEU B 97 -8.01 -6.64 -11.26
N ALA B 98 -7.88 -6.80 -12.58
CA ALA B 98 -8.80 -7.65 -13.31
C ALA B 98 -8.55 -9.13 -13.06
N LEU B 99 -7.30 -9.50 -12.79
CA LEU B 99 -6.92 -10.90 -12.63
C LEU B 99 -6.79 -11.33 -11.18
N GLY B 100 -7.27 -10.53 -10.23
CA GLY B 100 -7.26 -10.95 -8.84
C GLY B 100 -6.89 -9.88 -7.84
N GLY B 101 -6.07 -8.92 -8.26
CA GLY B 101 -5.64 -7.84 -7.40
C GLY B 101 -4.20 -8.02 -6.95
N PHE B 102 -3.72 -7.01 -6.20
CA PHE B 102 -2.35 -7.01 -5.73
C PHE B 102 -2.17 -7.78 -4.43
N ARG B 103 -3.25 -8.13 -3.73
CA ARG B 103 -3.11 -8.93 -2.52
C ARG B 103 -2.79 -10.38 -2.86
N ARG B 104 -3.42 -10.92 -3.90
CA ARG B 104 -3.12 -12.28 -4.32
C ARG B 104 -1.74 -12.37 -4.96
N LEU B 105 -1.31 -11.29 -5.63
CA LEU B 105 0.02 -11.26 -6.21
C LEU B 105 1.10 -11.42 -5.15
N HIS B 106 0.87 -10.90 -3.95
CA HIS B 106 1.90 -10.91 -2.91
C HIS B 106 1.98 -12.24 -2.18
N SER B 107 0.90 -12.62 -1.51
CA SER B 107 0.94 -13.77 -0.60
C SER B 107 1.20 -15.07 -1.35
N LEU B 108 0.59 -15.24 -2.52
CA LEU B 108 0.69 -16.51 -3.23
C LEU B 108 2.11 -16.78 -3.73
N TYR B 109 2.71 -15.81 -4.41
CA TYR B 109 3.96 -16.06 -5.12
C TYR B 109 5.08 -15.11 -4.75
N LEU B 110 4.78 -13.82 -4.54
CA LEU B 110 5.84 -12.86 -4.25
C LEU B 110 6.53 -13.15 -2.92
N TRP B 111 5.75 -13.45 -1.89
CA TRP B 111 6.33 -13.75 -0.59
C TRP B 111 7.20 -15.01 -0.60
N PRO B 112 6.77 -16.14 -1.17
CA PRO B 112 7.69 -17.29 -1.25
C PRO B 112 8.97 -16.98 -2.02
N LEU B 113 8.88 -16.17 -3.07
CA LEU B 113 10.08 -15.81 -3.83
C LEU B 113 11.02 -14.95 -3.01
N SER B 114 10.47 -14.00 -2.24
CA SER B 114 11.30 -13.13 -1.42
C SER B 114 11.76 -13.79 -0.13
N LYS B 115 11.20 -14.95 0.22
CA LYS B 115 11.59 -15.61 1.45
C LYS B 115 13.08 -15.97 1.51
N PRO B 116 13.68 -16.61 0.49
CA PRO B 116 15.16 -16.93 0.56
C PRO B 116 16.12 -15.86 0.07
N ASN B 117 15.64 -14.68 -0.34
CA ASN B 117 16.49 -13.56 -0.76
C ASN B 117 15.82 -12.27 -0.32
N PRO B 118 15.74 -12.01 0.99
CA PRO B 118 15.05 -10.80 1.46
C PRO B 118 15.68 -9.52 0.95
N ARG B 119 17.00 -9.48 0.82
CA ARG B 119 17.67 -8.26 0.37
C ARG B 119 17.55 -8.05 -1.13
N ALA B 120 17.40 -9.13 -1.90
CA ALA B 120 17.37 -9.01 -3.34
C ALA B 120 16.14 -8.24 -3.81
N ARG B 121 16.31 -7.45 -4.87
CA ARG B 121 15.24 -6.67 -5.46
C ARG B 121 14.69 -7.41 -6.67
N PHE B 122 13.37 -7.51 -6.77
CA PHE B 122 12.73 -8.23 -7.85
C PHE B 122 12.86 -7.45 -9.15
N GLY B 123 13.41 -8.09 -10.18
CA GLY B 123 13.65 -7.41 -11.44
C GLY B 123 12.55 -7.56 -12.46
N LYS B 124 12.87 -8.16 -13.60
CA LYS B 124 11.93 -8.31 -14.71
C LYS B 124 11.35 -9.71 -14.83
N ASP B 125 12.15 -10.75 -14.58
CA ASP B 125 11.66 -12.11 -14.74
C ASP B 125 10.70 -12.51 -13.62
N GLU B 126 10.87 -11.92 -12.43
CA GLU B 126 9.99 -12.25 -11.32
C GLU B 126 8.56 -11.81 -11.61
N LEU B 127 8.39 -10.63 -12.20
CA LEU B 127 7.06 -10.18 -12.61
C LEU B 127 6.48 -11.09 -13.68
N LYS B 128 7.30 -11.47 -14.67
CA LYS B 128 6.84 -12.35 -15.74
C LYS B 128 6.41 -13.70 -15.21
N LEU B 129 7.01 -14.15 -14.11
CA LEU B 129 6.63 -15.42 -13.50
C LEU B 129 5.35 -15.27 -12.68
N THR B 130 5.31 -14.25 -11.82
CA THR B 130 4.18 -14.09 -10.91
C THR B 130 2.88 -13.78 -11.65
N LEU B 131 2.95 -12.94 -12.68
CA LEU B 131 1.74 -12.61 -13.43
C LEU B 131 1.24 -13.82 -14.21
N SER B 132 2.14 -14.63 -14.76
CA SER B 132 1.74 -15.86 -15.43
C SER B 132 1.07 -16.81 -14.44
N LEU B 133 1.62 -16.91 -13.23
CA LEU B 133 0.99 -17.75 -12.21
C LEU B 133 -0.40 -17.25 -11.88
N LEU B 134 -0.58 -15.92 -11.77
CA LEU B 134 -1.91 -15.38 -11.51
C LEU B 134 -2.87 -15.69 -12.64
N SER B 135 -2.42 -15.57 -13.90
CA SER B 135 -3.29 -15.88 -15.03
C SER B 135 -3.73 -17.34 -15.00
N ILE B 136 -2.78 -18.24 -14.74
CA ILE B 136 -3.11 -19.67 -14.69
C ILE B 136 -4.10 -19.94 -13.56
N ARG B 137 -3.88 -19.33 -12.39
CA ARG B 137 -4.79 -19.53 -11.28
C ARG B 137 -6.19 -19.01 -11.59
N TYR B 138 -6.27 -17.83 -12.22
CA TYR B 138 -7.57 -17.26 -12.55
C TYR B 138 -8.32 -18.13 -13.56
N TYR B 139 -7.60 -18.63 -14.58
CA TYR B 139 -8.25 -19.50 -15.56
C TYR B 139 -8.71 -20.81 -14.91
N GLU B 140 -7.89 -21.37 -14.01
CA GLU B 140 -8.28 -22.60 -13.34
C GLU B 140 -9.50 -22.41 -12.45
N LYS B 141 -9.54 -21.31 -11.71
CA LYS B 141 -10.65 -21.06 -10.79
C LYS B 141 -11.86 -20.43 -11.49
N MET B 142 -11.75 -20.10 -12.77
CA MET B 142 -12.88 -19.54 -13.50
C MET B 142 -14.05 -20.52 -13.54
N SER B 143 -13.76 -21.79 -13.80
CA SER B 143 -14.80 -22.81 -13.86
C SER B 143 -14.93 -23.53 -12.51
N LYS C 8 1.35 39.13 7.76
CA LYS C 8 0.76 39.38 9.06
C LYS C 8 -0.74 39.10 9.07
N ILE C 9 -1.12 37.97 9.65
CA ILE C 9 -2.51 37.58 9.77
C ILE C 9 -2.78 37.14 11.20
N THR C 10 -4.04 37.27 11.63
CA THR C 10 -4.45 36.93 12.98
C THR C 10 -5.38 35.73 12.94
N LEU C 11 -5.06 34.70 13.71
CA LEU C 11 -5.86 33.49 13.80
C LEU C 11 -6.41 33.35 15.22
N LYS C 12 -7.71 33.14 15.33
CA LYS C 12 -8.38 32.93 16.61
C LYS C 12 -8.83 31.47 16.70
N SER C 13 -8.66 30.88 17.88
CA SER C 13 -8.95 29.49 18.13
C SER C 13 -10.15 29.36 19.07
N SER C 14 -10.44 28.11 19.49
CA SER C 14 -11.55 27.87 20.39
C SER C 14 -11.41 28.67 21.68
N ASP C 15 -10.17 28.86 22.15
CA ASP C 15 -9.94 29.69 23.33
C ASP C 15 -10.18 31.17 23.06
N GLY C 16 -10.31 31.56 21.79
CA GLY C 16 -10.50 32.94 21.43
C GLY C 16 -9.24 33.77 21.34
N GLU C 17 -8.08 33.18 21.61
CA GLU C 17 -6.82 33.91 21.52
C GLU C 17 -6.50 34.21 20.07
N ASN C 18 -6.31 35.48 19.75
CA ASN C 18 -6.00 35.91 18.39
C ASN C 18 -4.51 35.74 18.13
N PHE C 19 -4.11 34.48 17.97
CA PHE C 19 -2.72 34.15 17.69
C PHE C 19 -2.31 34.72 16.33
N GLU C 20 -1.24 35.50 16.32
CA GLU C 20 -0.79 36.17 15.11
C GLU C 20 0.40 35.44 14.49
N ILE C 21 0.51 35.54 13.17
CA ILE C 21 1.58 34.88 12.43
C ILE C 21 1.70 35.58 11.08
N ASP C 22 2.88 35.45 10.46
CA ASP C 22 3.12 36.12 9.20
C ASP C 22 2.28 35.49 8.09
N GLU C 23 2.03 36.28 7.03
CA GLU C 23 1.23 35.79 5.91
C GLU C 23 1.91 34.64 5.20
N ALA C 24 3.22 34.76 4.96
CA ALA C 24 3.95 33.68 4.29
C ALA C 24 3.99 32.42 5.15
N VAL C 25 4.13 32.58 6.47
CA VAL C 25 4.16 31.42 7.35
C VAL C 25 2.78 30.78 7.43
N ALA C 26 1.72 31.59 7.49
CA ALA C 26 0.37 31.06 7.48
C ALA C 26 -0.01 30.45 6.14
N LEU C 27 0.71 30.80 5.07
CA LEU C 27 0.41 30.27 3.75
C LEU C 27 0.72 28.77 3.63
N GLU C 28 1.43 28.19 4.60
CA GLU C 28 1.71 26.77 4.55
C GLU C 28 0.46 25.91 4.69
N SER C 29 -0.63 26.48 5.22
CA SER C 29 -1.90 25.77 5.35
C SER C 29 -2.80 26.13 4.18
N GLN C 30 -3.14 25.13 3.36
CA GLN C 30 -3.94 25.38 2.17
C GLN C 30 -5.34 25.88 2.53
N THR C 31 -5.95 25.30 3.56
CA THR C 31 -7.28 25.72 3.97
C THR C 31 -7.30 27.17 4.42
N ILE C 32 -6.32 27.57 5.23
CA ILE C 32 -6.24 28.96 5.68
C ILE C 32 -5.95 29.89 4.50
N LYS C 33 -5.08 29.45 3.59
CA LYS C 33 -4.75 30.28 2.42
C LYS C 33 -5.97 30.51 1.55
N HIS C 34 -6.80 29.48 1.34
CA HIS C 34 -7.99 29.63 0.53
C HIS C 34 -8.98 30.60 1.16
N MET C 35 -9.16 30.52 2.47
CA MET C 35 -10.08 31.40 3.18
C MET C 35 -9.33 32.45 4.00
N ILE C 45 -11.60 34.32 10.86
CA ILE C 45 -11.27 32.91 10.85
C ILE C 45 -11.51 32.30 12.23
N PRO C 46 -12.78 31.99 12.53
CA PRO C 46 -13.11 31.46 13.86
C PRO C 46 -12.35 30.20 14.24
N LEU C 47 -12.12 29.29 13.29
CA LEU C 47 -11.49 28.00 13.55
C LEU C 47 -12.11 27.29 14.75
N PRO C 48 -13.39 26.90 14.65
CA PRO C 48 -14.08 26.32 15.83
C PRO C 48 -13.56 24.95 16.23
N ASN C 49 -12.84 24.25 15.36
CA ASN C 49 -12.41 22.88 15.64
C ASN C 49 -11.04 22.83 16.31
N VAL C 50 -10.07 23.56 15.77
CA VAL C 50 -8.70 23.46 16.28
C VAL C 50 -8.61 24.15 17.63
N THR C 51 -8.06 23.43 18.61
CA THR C 51 -7.89 23.94 19.96
C THR C 51 -6.67 24.87 20.02
N SER C 52 -6.62 25.67 21.09
CA SER C 52 -5.54 26.65 21.23
C SER C 52 -4.17 25.97 21.31
N LYS C 53 -4.07 24.89 22.07
CA LYS C 53 -2.79 24.19 22.21
C LYS C 53 -2.35 23.63 20.86
N ILE C 54 -3.26 22.96 20.15
CA ILE C 54 -2.91 22.38 18.86
C ILE C 54 -2.59 23.47 17.85
N LEU C 55 -3.34 24.58 17.89
CA LEU C 55 -3.04 25.69 17.00
C LEU C 55 -1.66 26.27 17.27
N SER C 56 -1.28 26.37 18.55
CA SER C 56 0.07 26.82 18.88
C SER C 56 1.12 25.84 18.36
N LYS C 57 0.85 24.55 18.46
CA LYS C 57 1.79 23.55 17.94
C LYS C 57 1.97 23.70 16.43
N VAL C 58 0.86 23.87 15.69
CA VAL C 58 0.97 24.07 14.24
C VAL C 58 1.67 25.37 13.93
N ILE C 59 1.44 26.41 14.74
CA ILE C 59 2.14 27.68 14.53
C ILE C 59 3.64 27.50 14.69
N GLU C 60 4.05 26.76 15.73
CA GLU C 60 5.48 26.49 15.93
C GLU C 60 6.05 25.69 14.76
N TYR C 61 5.32 24.68 14.31
CA TYR C 61 5.78 23.87 13.18
C TYR C 61 5.95 24.73 11.93
N CYS C 62 4.97 25.58 11.63
CA CYS C 62 5.05 26.43 10.46
C CYS C 62 6.19 27.43 10.57
N LYS C 63 6.39 27.99 11.77
CA LYS C 63 7.50 28.93 11.97
C LYS C 63 8.83 28.25 11.73
N ARG C 64 9.01 27.05 12.27
CA ARG C 64 10.28 26.35 12.11
C ARG C 64 10.51 25.99 10.64
N HIS C 65 9.46 25.52 9.96
CA HIS C 65 9.61 25.17 8.55
C HIS C 65 9.89 26.39 7.69
N VAL C 66 9.31 27.56 8.02
CA VAL C 66 9.60 28.77 7.28
C VAL C 66 11.03 29.22 7.52
N GLU C 67 11.50 29.11 8.78
CA GLU C 67 12.90 29.43 9.07
C GLU C 67 13.83 28.53 8.29
N ALA C 68 13.51 27.24 8.21
CA ALA C 68 14.34 26.31 7.44
C ALA C 68 14.30 26.63 5.95
N ALA C 69 13.14 27.04 5.43
CA ALA C 69 13.03 27.36 4.01
C ALA C 69 13.91 28.55 3.64
N GLU C 70 13.93 29.57 4.49
CA GLU C 70 14.75 30.76 4.23
C GLU C 70 16.17 30.55 4.74
N GLY C 90 21.63 17.30 4.60
CA GLY C 90 22.48 18.40 5.03
C GLY C 90 22.52 18.58 6.53
N SER C 91 23.47 19.38 7.00
CA SER C 91 23.59 19.64 8.43
C SER C 91 22.34 20.33 8.97
N SER C 92 21.87 21.36 8.28
CA SER C 92 20.61 21.99 8.67
C SER C 92 19.44 21.04 8.47
N ASP C 93 19.50 20.18 7.44
CA ASP C 93 18.44 19.22 7.21
C ASP C 93 18.34 18.23 8.37
N GLU C 94 19.49 17.70 8.82
CA GLU C 94 19.44 16.76 9.93
C GLU C 94 19.13 17.45 11.25
N ASP C 95 19.52 18.72 11.40
CA ASP C 95 19.09 19.47 12.57
C ASP C 95 17.57 19.64 12.59
N LEU C 96 16.98 19.94 11.43
CA LEU C 96 15.54 20.04 11.33
C LEU C 96 14.86 18.70 11.63
N LYS C 97 15.45 17.60 11.14
CA LYS C 97 14.90 16.28 11.42
C LYS C 97 14.97 15.96 12.91
N THR C 98 16.08 16.32 13.56
CA THR C 98 16.20 16.10 15.01
C THR C 98 15.16 16.93 15.76
N TRP C 99 14.94 18.18 15.35
CA TRP C 99 13.93 19.01 15.99
C TRP C 99 12.53 18.41 15.78
N ASP C 100 12.28 17.87 14.58
CA ASP C 100 11.02 17.20 14.31
C ASP C 100 10.84 16.01 15.25
N SER C 101 11.88 15.22 15.43
CA SER C 101 11.81 14.07 16.32
C SER C 101 11.55 14.51 17.76
N GLU C 102 12.19 15.60 18.19
CA GLU C 102 11.96 16.11 19.54
C GLU C 102 10.51 16.59 19.71
N PHE C 103 9.97 17.28 18.70
CA PHE C 103 8.60 17.77 18.78
C PHE C 103 7.59 16.63 18.71
N ILE C 104 7.95 15.53 18.05
CA ILE C 104 7.06 14.38 17.91
C ILE C 104 6.75 13.73 19.25
N LYS C 105 7.61 13.92 20.25
CA LYS C 105 7.46 13.26 21.55
C LYS C 105 6.29 13.89 22.30
N VAL C 106 5.08 13.42 21.97
CA VAL C 106 3.87 13.80 22.67
C VAL C 106 3.03 12.54 22.89
N ASP C 107 2.06 12.64 23.79
CA ASP C 107 1.28 11.48 24.20
C ASP C 107 0.26 11.12 23.12
N GLN C 108 -0.61 10.16 23.42
CA GLN C 108 -1.52 9.62 22.42
C GLN C 108 -2.57 10.65 22.00
N GLY C 109 -3.21 11.30 22.97
CA GLY C 109 -4.23 12.27 22.64
C GLY C 109 -3.69 13.45 21.86
N THR C 110 -2.49 13.92 22.23
CA THR C 110 -1.88 15.02 21.49
C THR C 110 -1.60 14.63 20.05
N LEU C 111 -1.10 13.41 19.83
CA LEU C 111 -0.85 12.96 18.46
C LEU C 111 -2.14 12.83 17.67
N PHE C 112 -3.21 12.32 18.30
CA PHE C 112 -4.49 12.21 17.63
C PHE C 112 -5.03 13.58 17.23
N ASP C 113 -4.95 14.55 18.14
CA ASP C 113 -5.39 15.91 17.84
C ASP C 113 -4.52 16.54 16.75
N LEU C 114 -3.22 16.26 16.77
CA LEU C 114 -2.33 16.78 15.74
C LEU C 114 -2.70 16.22 14.37
N ILE C 115 -3.02 14.93 14.30
CA ILE C 115 -3.46 14.33 13.04
C ILE C 115 -4.75 14.99 12.57
N LEU C 116 -5.70 15.19 13.49
CA LEU C 116 -6.96 15.82 13.12
C LEU C 116 -6.72 17.23 12.57
N ALA C 117 -5.89 18.02 13.26
CA ALA C 117 -5.63 19.39 12.82
C ALA C 117 -4.91 19.42 11.48
N ALA C 118 -3.93 18.53 11.29
CA ALA C 118 -3.20 18.49 10.02
C ALA C 118 -4.12 18.12 8.87
N ASN C 119 -5.03 17.17 9.09
CA ASN C 119 -6.01 16.84 8.06
C ASN C 119 -6.95 18.01 7.79
N TYR C 120 -7.36 18.71 8.85
CA TYR C 120 -8.28 19.84 8.70
C TYR C 120 -7.65 20.97 7.88
N LEU C 121 -6.43 21.36 8.25
CA LEU C 121 -5.81 22.56 7.68
C LEU C 121 -4.98 22.27 6.44
N ASN C 122 -4.98 21.03 5.95
CA ASN C 122 -4.31 20.66 4.70
C ASN C 122 -2.81 20.98 4.74
N ILE C 123 -2.14 20.37 5.71
CA ILE C 123 -0.69 20.50 5.87
C ILE C 123 -0.07 19.13 5.60
N LYS C 124 0.77 19.06 4.56
CA LYS C 124 1.35 17.78 4.16
C LYS C 124 2.41 17.31 5.14
N GLY C 125 3.30 18.21 5.56
CA GLY C 125 4.44 17.80 6.36
C GLY C 125 4.05 17.31 7.74
N LEU C 126 3.16 18.04 8.42
CA LEU C 126 2.77 17.64 9.78
C LEU C 126 1.99 16.33 9.76
N LEU C 127 1.06 16.20 8.81
CA LEU C 127 0.32 14.95 8.69
C LEU C 127 1.24 13.78 8.37
N ASP C 128 2.22 14.00 7.48
CA ASP C 128 3.17 12.94 7.15
C ASP C 128 3.99 12.54 8.36
N LEU C 129 4.48 13.51 9.14
CA LEU C 129 5.28 13.20 10.31
C LEU C 129 4.47 12.42 11.34
N THR C 130 3.24 12.87 11.61
CA THR C 130 2.39 12.15 12.55
C THR C 130 2.07 10.74 12.05
N CYS C 131 1.83 10.59 10.75
CA CYS C 131 1.57 9.27 10.19
C CYS C 131 2.77 8.34 10.32
N GLN C 132 3.98 8.86 10.08
CA GLN C 132 5.17 8.05 10.29
C GLN C 132 5.32 7.63 11.76
N THR C 133 5.04 8.56 12.68
CA THR C 133 5.11 8.20 14.10
C THR C 133 4.12 7.10 14.44
N VAL C 134 2.88 7.22 13.95
CA VAL C 134 1.88 6.21 14.26
C VAL C 134 2.22 4.89 13.59
N ALA C 135 2.80 4.93 12.39
CA ALA C 135 3.23 3.70 11.73
C ALA C 135 4.33 3.01 12.53
N ASP C 136 5.28 3.77 13.05
CA ASP C 136 6.31 3.19 13.91
C ASP C 136 5.70 2.57 15.16
N MET C 137 4.68 3.23 15.72
CA MET C 137 4.00 2.67 16.89
C MET C 137 3.29 1.36 16.56
N ILE C 138 2.60 1.32 15.41
CA ILE C 138 1.85 0.11 15.05
C ILE C 138 2.76 -0.97 14.50
N LYS C 139 4.03 -0.67 14.23
CA LYS C 139 4.98 -1.71 13.89
C LYS C 139 5.28 -2.52 15.14
N GLY C 140 4.33 -3.35 15.56
CA GLY C 140 4.43 -4.05 16.82
C GLY C 140 4.27 -5.55 16.74
N LYS C 141 3.68 -6.12 17.80
CA LYS C 141 3.60 -7.56 17.98
C LYS C 141 2.32 -8.16 17.43
N THR C 142 2.03 -9.40 17.84
CA THR C 142 0.79 -10.09 17.52
C THR C 142 -0.43 -9.20 17.82
N PRO C 143 -1.59 -9.49 17.22
CA PRO C 143 -2.68 -8.51 17.25
C PRO C 143 -3.17 -8.14 18.64
N GLU C 144 -2.89 -8.98 19.64
CA GLU C 144 -3.25 -8.61 21.00
C GLU C 144 -2.54 -7.32 21.41
N GLU C 145 -1.27 -7.16 21.03
CA GLU C 145 -0.54 -5.96 21.37
C GLU C 145 -1.17 -4.72 20.72
N ILE C 146 -1.50 -4.81 19.43
CA ILE C 146 -2.06 -3.65 18.74
C ILE C 146 -3.44 -3.31 19.28
N ARG C 147 -4.25 -4.33 19.57
CA ARG C 147 -5.59 -4.09 20.10
C ARG C 147 -5.53 -3.60 21.54
N LYS C 148 -4.43 -3.85 22.23
CA LYS C 148 -4.34 -3.48 23.64
C LYS C 148 -3.76 -2.08 23.82
N THR C 149 -2.73 -1.73 23.05
CA THR C 149 -2.08 -0.43 23.23
C THR C 149 -3.01 0.71 22.82
N PHE C 150 -3.86 0.47 21.81
CA PHE C 150 -4.78 1.48 21.31
C PHE C 150 -6.17 1.35 21.91
N ASN C 151 -6.36 0.40 22.83
CA ASN C 151 -7.65 0.13 23.45
C ASN C 151 -8.68 -0.23 22.39
N ILE C 152 -8.23 -0.76 21.25
CA ILE C 152 -9.15 -1.17 20.20
C ILE C 152 -9.93 -2.39 20.65
N LYS C 153 -11.26 -2.32 20.57
CA LYS C 153 -12.14 -3.41 20.97
C LYS C 153 -12.63 -4.12 19.72
N ASN C 154 -12.02 -5.26 19.41
CA ASN C 154 -12.43 -6.06 18.27
C ASN C 154 -13.66 -6.90 18.64
N ASP C 155 -14.52 -7.11 17.65
CA ASP C 155 -15.74 -7.89 17.83
C ASP C 155 -15.90 -8.87 16.68
N PHE C 156 -14.79 -9.42 16.20
CA PHE C 156 -14.84 -10.41 15.13
C PHE C 156 -15.65 -11.62 15.55
N THR C 157 -16.52 -12.08 14.67
CA THR C 157 -17.20 -13.34 14.89
C THR C 157 -16.19 -14.48 14.79
N PRO C 158 -16.41 -15.58 15.51
CA PRO C 158 -15.41 -16.67 15.50
C PRO C 158 -15.09 -17.17 14.10
N GLU C 159 -16.10 -17.30 13.24
CA GLU C 159 -15.83 -17.67 11.85
C GLU C 159 -14.98 -16.63 11.15
N GLU C 160 -15.35 -15.35 11.30
CA GLU C 160 -14.60 -14.28 10.65
C GLU C 160 -13.19 -14.17 11.21
N GLU C 161 -13.05 -14.28 12.54
CA GLU C 161 -11.72 -14.20 13.15
C GLU C 161 -10.83 -15.33 12.66
N GLU C 162 -11.34 -16.57 12.69
CA GLU C 162 -10.53 -17.69 12.22
C GLU C 162 -10.20 -17.56 10.74
N GLU C 163 -11.17 -17.13 9.92
CA GLU C 163 -10.94 -17.01 8.49
C GLU C 163 -9.90 -15.94 8.19
N VAL C 164 -9.96 -14.80 8.89
CA VAL C 164 -8.97 -13.75 8.68
C VAL C 164 -7.60 -14.22 9.17
N ARG C 165 -7.57 -15.10 10.16
CA ARG C 165 -6.28 -15.68 10.56
C ARG C 165 -5.71 -16.60 9.49
N ARG C 166 -6.56 -17.46 8.90
CA ARG C 166 -6.06 -18.39 7.88
C ARG C 166 -5.64 -17.66 6.61
N GLU C 167 -6.42 -16.67 6.17
CA GLU C 167 -6.11 -16.01 4.92
C GLU C 167 -4.83 -15.18 4.97
N ASN C 168 -4.34 -14.87 6.18
CA ASN C 168 -3.07 -14.19 6.36
C ASN C 168 -2.07 -15.09 7.09
N GLN C 169 -2.15 -16.40 6.87
CA GLN C 169 -1.29 -17.35 7.55
C GLN C 169 0.18 -17.19 7.19
N TRP C 170 0.48 -16.66 6.00
CA TRP C 170 1.87 -16.48 5.60
C TRP C 170 2.61 -15.55 6.56
N ALA C 171 1.91 -14.56 7.12
CA ALA C 171 2.56 -13.65 8.06
C ALA C 171 2.81 -14.31 9.40
N PHE C 172 1.89 -15.17 9.84
CA PHE C 172 2.02 -15.83 11.14
C PHE C 172 3.03 -16.96 11.09
#